data_6GNU
#
_entry.id   6GNU
#
_cell.length_a   48.309
_cell.length_b   89.934
_cell.length_c   52.884
_cell.angle_alpha   90.000
_cell.angle_beta   114.740
_cell.angle_gamma   90.000
#
_symmetry.space_group_name_H-M   'P 1 21 1'
#
loop_
_entity.id
_entity.type
_entity.pdbx_description
1 polymer 'Glycylpeptide N-tetradecanoyltransferase'
2 non-polymer TETRADECANOYL-COA
3 non-polymer 4-[4-(1-methylpiperidin-4-yl)butyl]-~{N}-[6-(2-methylpropyl)quinolin-5-yl]benzenesulfonamide
4 water water
#
_entity_poly.entity_id   1
_entity_poly.type   'polypeptide(L)'
_entity_poly.pdbx_seq_one_letter_code
;MGSSHHHHHHSSGRENLYFQGPSNSDAAHAFWSTQPVPQTEDETEKIVFAGPMDEPKTVADIPEEPYPIASTFEWWTPNM
EAADDIHAIYELLRDNYVEDDDSMFRFNYSEEFLQWALCPPNYIPDWHVAVRRKADKKLLAFIAGVPVTLRMGTPKYMKV
KAQEKGEGEEAAKYDEPRHICEINFLCVHKQLREKRLAPILIKEATRRVNRTNVWQAVYTAGVLLPTPYASGQYFHRSLN
PEKLVEIRFSGIPAQYQKFQNPMAMLKRNYQLPSAPKNSGLREMKPSDVPQVRRILMNYLDSFDVGPVFSDAEISHYLLP
RDGVVFTYVVENDKKVTDFFSFYRIPSTVIGNSNYNLLNAAYVHYYAATSIPLHQLILDLLIVAHSRGFDVCNMVEILDN
RSFVEQLKFGAGDGHLRYYFYNWAYPKIKPSQVALVML
;
_entity_poly.pdbx_strand_id   A
#
# COMPACT_ATOMS: atom_id res chain seq x y z
N ALA A 28 -10.99 3.36 24.33
CA ALA A 28 -11.67 2.10 24.75
C ALA A 28 -11.57 1.14 23.54
N HIS A 29 -10.58 0.26 23.66
CA HIS A 29 -10.33 -0.74 22.62
C HIS A 29 -10.30 -2.11 23.19
N ALA A 30 -11.43 -2.82 23.19
CA ALA A 30 -11.54 -4.13 23.83
C ALA A 30 -10.63 -5.18 23.18
N PHE A 31 -10.35 -5.03 21.89
CA PHE A 31 -9.44 -5.98 21.21
C PHE A 31 -7.98 -5.43 21.25
N TRP A 32 -7.78 -4.21 20.73
CA TRP A 32 -6.40 -3.72 20.54
C TRP A 32 -5.67 -3.53 21.88
N SER A 33 -6.42 -3.35 22.98
CA SER A 33 -5.80 -3.25 24.31
C SER A 33 -5.16 -4.52 24.73
N THR A 34 -5.48 -5.64 24.08
CA THR A 34 -4.92 -6.98 24.45
C THR A 34 -3.73 -7.38 23.55
N GLN A 35 -3.38 -6.52 22.59
CA GLN A 35 -2.38 -6.85 21.56
C GLN A 35 -1.07 -6.17 21.78
N PRO A 36 0.00 -6.74 21.23
CA PRO A 36 1.34 -6.19 21.44
C PRO A 36 1.66 -5.07 20.52
N VAL A 37 0.98 -3.95 20.77
CA VAL A 37 1.17 -2.67 20.07
C VAL A 37 1.25 -1.54 21.13
N PRO A 38 1.95 -0.46 20.86
CA PRO A 38 1.88 0.71 21.79
C PRO A 38 0.45 1.19 21.87
N GLN A 39 0.03 1.57 23.08
CA GLN A 39 -1.35 1.83 23.30
C GLN A 39 -1.80 3.29 23.11
N THR A 40 -0.84 4.20 23.23
CA THR A 40 -1.13 5.57 22.98
C THR A 40 -0.03 6.25 22.24
N GLU A 41 -0.44 7.45 21.75
CA GLU A 41 0.45 8.36 21.09
C GLU A 41 1.49 8.70 22.07
N ASP A 42 1.05 8.95 23.30
CA ASP A 42 1.97 9.26 24.36
C ASP A 42 2.99 8.17 24.54
N GLU A 43 2.57 6.89 24.54
CA GLU A 43 3.52 5.79 24.66
C GLU A 43 4.53 5.80 23.49
N THR A 44 4.04 5.92 22.25
CA THR A 44 4.88 5.94 21.04
C THR A 44 5.86 7.07 20.99
N GLU A 45 5.44 8.23 21.47
CA GLU A 45 6.36 9.37 21.51
C GLU A 45 7.53 9.11 22.47
N LYS A 46 7.42 8.14 23.37
CA LYS A 46 8.48 7.75 24.33
C LYS A 46 9.45 6.73 23.79
N ILE A 47 9.10 6.04 22.70
CA ILE A 47 9.93 4.93 22.23
C ILE A 47 11.18 5.49 21.58
N VAL A 48 12.35 4.91 21.94
CA VAL A 48 13.56 5.33 21.36
C VAL A 48 14.29 4.20 20.59
N PHE A 49 14.05 2.90 20.84
CA PHE A 49 14.76 1.90 20.06
C PHE A 49 13.74 0.95 19.40
N ALA A 50 14.07 0.44 18.24
CA ALA A 50 13.26 -0.63 17.61
C ALA A 50 13.47 -1.92 18.35
N GLY A 51 12.40 -2.69 18.50
CA GLY A 51 12.49 -4.03 19.00
C GLY A 51 11.14 -4.63 19.29
N PRO A 52 11.10 -5.90 19.63
CA PRO A 52 9.81 -6.58 19.84
C PRO A 52 9.10 -6.06 21.11
N MET A 53 7.80 -6.24 21.19
CA MET A 53 7.01 -5.87 22.37
C MET A 53 6.72 -7.06 23.27
N ASP A 54 6.39 -8.23 22.68
CA ASP A 54 5.85 -9.40 23.40
C ASP A 54 6.97 -10.21 23.98
N GLU A 55 6.59 -11.05 24.97
CA GLU A 55 7.44 -12.20 25.39
C GLU A 55 7.95 -12.95 24.21
N PRO A 56 9.23 -13.35 24.24
CA PRO A 56 9.63 -14.24 23.17
C PRO A 56 8.87 -15.61 23.19
N LYS A 57 8.49 -16.12 22.02
CA LYS A 57 7.73 -17.31 21.89
C LYS A 57 8.39 -18.19 20.87
N THR A 58 8.01 -19.46 20.79
CA THR A 58 8.42 -20.30 19.70
C THR A 58 7.22 -20.88 19.01
N VAL A 59 7.41 -21.39 17.85
CA VAL A 59 6.34 -22.00 17.09
C VAL A 59 5.59 -23.04 17.97
N ALA A 60 6.34 -23.82 18.74
CA ALA A 60 5.67 -24.88 19.57
C ALA A 60 4.69 -24.29 20.59
N ASP A 61 4.79 -22.99 20.98
CA ASP A 61 3.88 -22.42 21.92
C ASP A 61 2.58 -22.16 21.27
N ILE A 62 2.55 -22.11 19.94
CA ILE A 62 1.38 -21.52 19.25
C ILE A 62 0.34 -22.60 18.92
N PRO A 63 -0.96 -22.37 19.16
CA PRO A 63 -1.96 -23.41 18.86
C PRO A 63 -1.89 -23.97 17.44
N GLU A 64 -1.89 -25.30 17.34
CA GLU A 64 -1.99 -25.92 16.02
C GLU A 64 -3.33 -25.81 15.35
N GLU A 65 -4.42 -25.67 16.13
CA GLU A 65 -5.76 -25.66 15.63
C GLU A 65 -6.17 -24.25 15.29
N PRO A 66 -6.98 -24.05 14.22
CA PRO A 66 -7.51 -22.75 13.93
C PRO A 66 -8.29 -22.12 15.17
N TYR A 67 -8.32 -20.81 15.27
CA TYR A 67 -8.98 -20.08 16.33
C TYR A 67 -10.48 -20.48 16.23
N PRO A 68 -11.12 -20.68 17.39
CA PRO A 68 -12.58 -21.00 17.39
C PRO A 68 -13.47 -19.97 16.71
N ILE A 69 -14.47 -20.46 15.98
CA ILE A 69 -15.45 -19.56 15.36
C ILE A 69 -16.83 -20.26 15.43
N ALA A 70 -17.89 -19.47 15.45
CA ALA A 70 -19.27 -20.03 15.55
C ALA A 70 -19.46 -21.15 14.58
N SER A 71 -20.37 -22.05 14.97
CA SER A 71 -20.62 -23.29 14.22
C SER A 71 -21.15 -23.02 12.84
N THR A 72 -21.82 -21.87 12.66
CA THR A 72 -22.40 -21.53 11.36
C THR A 72 -21.33 -21.16 10.35
N PHE A 73 -20.10 -20.93 10.81
CA PHE A 73 -18.98 -20.52 9.94
C PHE A 73 -17.90 -21.57 9.82
N GLU A 74 -17.03 -21.42 8.80
CA GLU A 74 -15.86 -22.23 8.62
C GLU A 74 -14.71 -21.39 8.02
N TRP A 75 -13.52 -21.69 8.44
CA TRP A 75 -12.29 -21.16 7.84
C TRP A 75 -12.17 -21.76 6.47
N TRP A 76 -11.68 -20.94 5.53
CA TRP A 76 -11.40 -21.43 4.22
C TRP A 76 -10.13 -20.75 3.75
N THR A 77 -9.22 -21.50 3.14
CA THR A 77 -7.98 -20.97 2.56
C THR A 77 -8.11 -20.95 1.05
N PRO A 78 -8.45 -19.80 0.50
CA PRO A 78 -8.56 -19.82 -0.97
C PRO A 78 -7.27 -20.04 -1.64
N ASN A 79 -7.32 -20.58 -2.85
CA ASN A 79 -6.10 -20.69 -3.69
C ASN A 79 -6.04 -19.46 -4.60
N MET A 80 -5.19 -18.48 -4.24
CA MET A 80 -5.15 -17.24 -4.95
C MET A 80 -4.40 -17.25 -6.26
N GLU A 81 -4.07 -18.42 -6.75
CA GLU A 81 -3.62 -18.58 -8.10
C GLU A 81 -4.69 -19.27 -8.94
N ALA A 82 -5.84 -19.58 -8.33
CA ALA A 82 -6.95 -20.29 -9.04
C ALA A 82 -7.99 -19.26 -9.39
N ALA A 83 -8.28 -19.10 -10.69
CA ALA A 83 -9.20 -18.10 -11.14
C ALA A 83 -10.51 -18.00 -10.40
N ASP A 84 -11.17 -19.13 -10.10
CA ASP A 84 -12.45 -19.02 -9.48
C ASP A 84 -12.39 -18.58 -8.01
N ASP A 85 -11.34 -19.00 -7.31
CA ASP A 85 -11.15 -18.59 -5.89
C ASP A 85 -10.80 -17.08 -5.88
N ILE A 86 -10.01 -16.66 -6.85
CA ILE A 86 -9.65 -15.22 -6.96
C ILE A 86 -10.93 -14.45 -7.21
N HIS A 87 -11.83 -14.97 -8.08
CA HIS A 87 -13.07 -14.27 -8.37
C HIS A 87 -13.98 -14.13 -7.17
N ALA A 88 -14.02 -15.17 -6.31
CA ALA A 88 -14.81 -15.10 -5.11
C ALA A 88 -14.34 -13.98 -4.16
N ILE A 89 -13.02 -13.90 -3.93
CA ILE A 89 -12.43 -12.85 -3.08
C ILE A 89 -12.69 -11.47 -3.79
N TYR A 90 -12.51 -11.44 -5.14
CA TYR A 90 -12.79 -10.25 -5.92
C TYR A 90 -14.18 -9.67 -5.62
N GLU A 91 -15.21 -10.56 -5.62
CA GLU A 91 -16.58 -10.07 -5.39
C GLU A 91 -16.79 -9.55 -4.01
N LEU A 92 -16.20 -10.25 -3.02
CA LEU A 92 -16.32 -9.82 -1.66
C LEU A 92 -15.77 -8.42 -1.52
N LEU A 93 -14.59 -8.19 -2.09
CA LEU A 93 -13.94 -6.87 -1.93
C LEU A 93 -14.66 -5.82 -2.75
N ARG A 94 -15.08 -6.20 -3.95
CA ARG A 94 -15.81 -5.27 -4.79
C ARG A 94 -17.01 -4.64 -4.06
N ASP A 95 -17.71 -5.53 -3.37
CA ASP A 95 -18.94 -5.09 -2.73
C ASP A 95 -18.83 -4.58 -1.30
N ASN A 96 -17.69 -4.90 -0.64
CA ASN A 96 -17.59 -4.70 0.79
C ASN A 96 -16.27 -4.08 1.24
N TYR A 97 -15.34 -3.81 0.33
CA TYR A 97 -14.06 -3.20 0.79
C TYR A 97 -14.12 -1.70 1.03
N VAL A 98 -12.91 -1.11 1.08
CA VAL A 98 -12.74 0.25 1.57
C VAL A 98 -13.44 1.29 0.67
N GLU A 99 -14.22 2.18 1.32
CA GLU A 99 -14.86 3.33 0.67
C GLU A 99 -14.18 4.60 1.07
N ASP A 100 -14.47 5.69 0.35
CA ASP A 100 -14.15 7.02 0.87
C ASP A 100 -15.08 7.32 2.08
N ASP A 101 -14.89 8.46 2.69
CA ASP A 101 -15.69 8.77 3.87
C ASP A 101 -17.07 9.25 3.53
N ASP A 102 -17.37 9.61 2.28
CA ASP A 102 -18.69 10.16 1.85
C ASP A 102 -19.54 9.26 0.90
N SER A 103 -19.19 8.00 0.85
CA SER A 103 -20.10 7.04 0.08
C SER A 103 -20.11 7.37 -1.41
N MET A 104 -18.93 7.70 -1.92
CA MET A 104 -18.79 8.09 -3.32
C MET A 104 -17.98 7.09 -4.15
N PHE A 105 -17.05 6.40 -3.50
CA PHE A 105 -16.16 5.49 -4.19
C PHE A 105 -15.94 4.25 -3.31
N ARG A 106 -15.78 3.11 -3.98
CA ARG A 106 -15.35 1.86 -3.26
C ARG A 106 -14.22 1.26 -4.09
N PHE A 107 -13.11 0.90 -3.48
CA PHE A 107 -12.04 0.25 -4.28
C PHE A 107 -12.53 -0.98 -5.01
N ASN A 108 -12.07 -1.20 -6.24
CA ASN A 108 -12.49 -2.37 -7.03
C ASN A 108 -11.20 -3.01 -7.59
N TYR A 109 -10.36 -3.51 -6.71
CA TYR A 109 -9.18 -4.25 -7.13
C TYR A 109 -9.54 -5.36 -8.08
N SER A 110 -8.81 -5.48 -9.15
CA SER A 110 -9.18 -6.50 -10.12
C SER A 110 -8.69 -7.87 -9.78
N GLU A 111 -9.29 -8.89 -10.45
CA GLU A 111 -8.81 -10.21 -10.19
C GLU A 111 -7.29 -10.41 -10.47
N GLU A 112 -6.83 -9.90 -11.62
CA GLU A 112 -5.42 -9.95 -12.01
C GLU A 112 -4.59 -9.28 -10.91
N PHE A 113 -5.12 -8.13 -10.40
CA PHE A 113 -4.31 -7.43 -9.34
C PHE A 113 -4.22 -8.28 -8.12
N LEU A 114 -5.32 -8.92 -7.72
CA LEU A 114 -5.28 -9.68 -6.46
C LEU A 114 -4.27 -10.84 -6.56
N GLN A 115 -4.26 -11.53 -7.70
CA GLN A 115 -3.31 -12.61 -7.87
C GLN A 115 -1.86 -12.08 -7.75
N TRP A 116 -1.59 -10.96 -8.39
CA TRP A 116 -0.25 -10.33 -8.29
C TRP A 116 0.16 -9.90 -6.88
N ALA A 117 -0.78 -9.26 -6.17
CA ALA A 117 -0.45 -8.72 -4.90
C ALA A 117 -0.35 -9.84 -3.87
N LEU A 118 -1.15 -10.90 -4.03
CA LEU A 118 -1.21 -11.91 -2.97
C LEU A 118 -0.25 -13.07 -3.19
N CYS A 119 0.36 -13.19 -4.38
CA CYS A 119 1.19 -14.36 -4.68
C CYS A 119 2.61 -13.95 -5.17
N PRO A 120 3.33 -13.11 -4.40
CA PRO A 120 4.73 -12.80 -4.73
C PRO A 120 5.65 -13.98 -4.45
N PRO A 121 6.90 -13.86 -4.86
CA PRO A 121 7.84 -14.97 -4.61
C PRO A 121 7.84 -15.39 -3.13
N ASN A 122 7.78 -16.71 -2.98
CA ASN A 122 7.77 -17.34 -1.66
C ASN A 122 6.56 -17.03 -0.78
N TYR A 123 5.45 -16.67 -1.39
CA TYR A 123 4.24 -16.42 -0.59
C TYR A 123 3.81 -17.74 0.08
N ILE A 124 3.02 -17.59 1.13
CA ILE A 124 2.55 -18.73 1.94
C ILE A 124 1.05 -18.79 1.72
N PRO A 125 0.55 -19.81 1.01
CA PRO A 125 -0.88 -19.91 0.85
C PRO A 125 -1.74 -19.84 2.12
N ASP A 126 -1.24 -20.46 3.18
CA ASP A 126 -1.98 -20.53 4.44
C ASP A 126 -2.24 -19.12 5.01
N TRP A 127 -1.43 -18.11 4.57
CA TRP A 127 -1.65 -16.77 5.11
C TRP A 127 -2.83 -16.05 4.40
N HIS A 128 -3.54 -16.69 3.49
CA HIS A 128 -4.67 -16.09 2.82
C HIS A 128 -5.88 -16.69 3.50
N VAL A 129 -6.56 -15.95 4.35
CA VAL A 129 -7.51 -16.46 5.32
C VAL A 129 -8.89 -15.97 5.04
N ALA A 130 -9.84 -16.88 4.81
CA ALA A 130 -11.23 -16.49 4.60
C ALA A 130 -12.17 -17.18 5.57
N VAL A 131 -13.35 -16.58 5.71
CA VAL A 131 -14.43 -17.16 6.47
C VAL A 131 -15.60 -17.33 5.52
N ARG A 132 -16.25 -18.51 5.56
CA ARG A 132 -17.43 -18.74 4.75
C ARG A 132 -18.54 -19.23 5.67
N ARG A 133 -19.77 -18.99 5.31
CA ARG A 133 -20.89 -19.68 5.93
C ARG A 133 -20.93 -21.15 5.55
N LYS A 134 -20.99 -22.03 6.54
CA LYS A 134 -20.85 -23.44 6.26
C LYS A 134 -22.06 -23.95 5.40
N ALA A 135 -23.27 -23.48 5.68
CA ALA A 135 -24.52 -24.05 5.07
C ALA A 135 -24.44 -23.91 3.54
N ASP A 136 -24.17 -22.68 3.09
CA ASP A 136 -24.26 -22.37 1.66
C ASP A 136 -22.88 -21.99 1.05
N LYS A 137 -21.84 -21.98 1.86
CA LYS A 137 -20.50 -21.62 1.44
C LYS A 137 -20.38 -20.16 0.98
N LYS A 138 -21.29 -19.30 1.42
CA LYS A 138 -21.19 -17.86 1.09
C LYS A 138 -19.93 -17.26 1.76
N LEU A 139 -19.15 -16.51 0.98
CA LEU A 139 -17.95 -15.87 1.48
C LEU A 139 -18.30 -14.66 2.28
N LEU A 140 -17.82 -14.59 3.55
CA LEU A 140 -18.21 -13.57 4.53
C LEU A 140 -17.07 -12.61 4.95
N ALA A 141 -15.84 -13.07 4.85
CA ALA A 141 -14.73 -12.29 5.38
C ALA A 141 -13.41 -12.78 4.83
N PHE A 142 -12.43 -11.89 4.86
CA PHE A 142 -11.05 -12.21 4.36
C PHE A 142 -10.06 -11.37 5.05
N ILE A 143 -8.86 -11.89 5.13
CA ILE A 143 -7.65 -11.16 5.52
C ILE A 143 -6.49 -11.85 4.86
N ALA A 144 -5.44 -11.12 4.45
CA ALA A 144 -4.30 -11.75 3.79
C ALA A 144 -2.99 -11.28 4.33
N GLY A 145 -2.06 -12.22 4.46
CA GLY A 145 -0.70 -11.87 4.74
C GLY A 145 0.16 -12.25 3.58
N VAL A 146 1.21 -11.47 3.32
CA VAL A 146 2.24 -11.79 2.35
C VAL A 146 3.60 -11.57 2.97
N PRO A 147 4.61 -12.39 2.66
CA PRO A 147 5.92 -12.11 3.15
C PRO A 147 6.56 -10.88 2.55
N VAL A 148 7.31 -10.16 3.38
CA VAL A 148 8.14 -9.06 2.89
C VAL A 148 9.39 -9.07 3.74
N THR A 149 10.52 -8.68 3.14
CA THR A 149 11.77 -8.42 3.85
C THR A 149 11.88 -6.94 4.13
N LEU A 150 11.89 -6.51 5.39
CA LEU A 150 11.78 -5.08 5.66
C LEU A 150 12.92 -4.65 6.57
N ARG A 151 13.54 -3.54 6.25
CA ARG A 151 14.39 -2.80 7.19
C ARG A 151 13.49 -2.06 8.10
N MET A 152 13.65 -2.31 9.38
CA MET A 152 12.85 -1.69 10.42
C MET A 152 13.64 -1.51 11.75
N GLY A 153 14.92 -1.26 11.58
CA GLY A 153 15.80 -0.87 12.67
C GLY A 153 15.56 0.55 13.17
N THR A 154 16.12 0.91 14.30
CA THR A 154 15.92 2.24 14.83
C THR A 154 16.17 3.34 13.81
N PRO A 155 15.27 4.32 13.76
CA PRO A 155 15.45 5.36 12.73
C PRO A 155 16.70 6.24 12.99
N LYS A 156 17.19 6.83 11.92
CA LYS A 156 18.35 7.67 11.96
C LYS A 156 18.38 8.68 13.10
N TYR A 157 17.29 9.42 13.27
CA TYR A 157 17.36 10.47 14.26
C TYR A 157 17.48 9.92 15.63
N MET A 158 16.94 8.75 15.86
CA MET A 158 17.07 8.13 17.22
C MET A 158 18.39 7.43 17.38
N LYS A 159 19.05 6.95 16.30
CA LYS A 159 20.39 6.43 16.42
C LYS A 159 21.35 7.60 16.81
N VAL A 160 21.14 8.80 16.31
CA VAL A 160 21.99 9.95 16.69
C VAL A 160 21.91 10.14 18.21
N LYS A 161 20.67 10.14 18.71
CA LYS A 161 20.44 10.24 20.16
C LYS A 161 21.13 9.08 20.88
N ALA A 162 20.94 7.87 20.42
CA ALA A 162 21.57 6.71 21.03
C ALA A 162 23.03 6.84 21.09
N GLN A 163 23.67 7.27 20.04
CA GLN A 163 25.11 7.50 20.06
C GLN A 163 25.57 8.52 21.16
N GLU A 164 24.83 9.60 21.27
CA GLU A 164 25.08 10.64 22.29
C GLU A 164 25.11 9.96 23.68
N LYS A 165 24.23 9.01 23.90
CA LYS A 165 24.00 8.37 25.20
C LYS A 165 24.80 7.10 25.38
N GLY A 166 25.65 6.76 24.39
CA GLY A 166 26.49 5.56 24.48
C GLY A 166 25.72 4.25 24.42
N GLU A 167 24.65 4.29 23.62
CA GLU A 167 23.79 3.15 23.46
C GLU A 167 23.67 2.77 22.00
N GLY A 168 24.74 2.90 21.24
CA GLY A 168 24.75 2.61 19.77
C GLY A 168 24.34 1.18 19.51
N GLU A 169 24.99 0.22 20.18
CA GLU A 169 24.73 -1.20 19.89
C GLU A 169 23.24 -1.51 20.12
N GLU A 170 22.68 -1.07 21.25
CA GLU A 170 21.25 -1.34 21.55
C GLU A 170 20.38 -0.74 20.42
N ALA A 171 20.72 0.43 19.90
CA ALA A 171 19.91 1.08 18.85
C ALA A 171 20.03 0.37 17.56
N ALA A 172 21.17 -0.26 17.27
CA ALA A 172 21.42 -0.94 15.99
C ALA A 172 21.12 -2.44 15.99
N LYS A 173 20.71 -3.00 17.14
CA LYS A 173 20.56 -4.48 17.40
C LYS A 173 19.65 -5.10 16.30
N TYR A 174 18.60 -4.38 15.90
CA TYR A 174 17.59 -4.95 15.01
C TYR A 174 17.65 -4.33 13.61
N ASP A 175 18.83 -3.89 13.18
CA ASP A 175 19.03 -3.37 11.85
C ASP A 175 18.94 -4.33 10.68
N GLU A 176 19.24 -5.59 10.93
CA GLU A 176 19.26 -6.55 9.81
C GLU A 176 17.83 -6.57 9.25
N PRO A 177 17.72 -6.59 7.92
CA PRO A 177 16.35 -6.74 7.36
C PRO A 177 15.65 -7.99 7.86
N ARG A 178 14.36 -7.86 8.14
CA ARG A 178 13.59 -8.89 8.89
C ARG A 178 12.59 -9.49 7.92
N HIS A 179 12.44 -10.82 7.93
CA HIS A 179 11.48 -11.51 7.12
C HIS A 179 10.17 -11.49 7.93
N ILE A 180 9.24 -10.58 7.55
CA ILE A 180 8.02 -10.40 8.32
C ILE A 180 6.77 -10.61 7.46
N CYS A 181 5.56 -10.28 7.95
CA CYS A 181 4.29 -10.40 7.23
C CYS A 181 3.79 -8.98 6.94
N GLU A 182 3.28 -8.69 5.73
CA GLU A 182 2.47 -7.49 5.54
C GLU A 182 1.00 -7.97 5.47
N ILE A 183 0.13 -7.33 6.20
CA ILE A 183 -1.29 -7.65 6.21
C ILE A 183 -2.04 -6.65 5.31
N ASN A 184 -2.96 -7.18 4.50
CA ASN A 184 -3.80 -6.32 3.66
C ASN A 184 -5.15 -7.04 3.45
N PHE A 185 -6.07 -6.29 2.85
CA PHE A 185 -7.32 -6.87 2.35
C PHE A 185 -8.22 -7.37 3.42
N LEU A 186 -8.03 -6.90 4.65
CA LEU A 186 -9.05 -7.20 5.71
C LEU A 186 -10.44 -6.73 5.29
N CYS A 187 -11.44 -7.63 5.30
CA CYS A 187 -12.76 -7.25 4.83
C CYS A 187 -13.80 -8.13 5.50
N VAL A 188 -14.80 -7.48 6.09
CA VAL A 188 -16.01 -8.19 6.64
C VAL A 188 -17.18 -7.76 5.78
N HIS A 189 -17.97 -8.74 5.33
CA HIS A 189 -19.19 -8.40 4.54
C HIS A 189 -19.99 -7.37 5.31
N LYS A 190 -20.62 -6.44 4.59
CA LYS A 190 -21.39 -5.42 5.24
C LYS A 190 -22.55 -5.93 6.14
N GLN A 191 -23.09 -7.08 5.83
CA GLN A 191 -24.19 -7.67 6.64
C GLN A 191 -23.66 -8.13 7.98
N LEU A 192 -22.36 -8.34 8.08
CA LEU A 192 -21.82 -8.89 9.32
C LEU A 192 -20.99 -7.93 10.14
N ARG A 193 -21.15 -6.67 9.86
CA ARG A 193 -20.39 -5.64 10.56
C ARG A 193 -20.73 -5.51 12.03
N GLU A 194 -19.76 -5.12 12.84
CA GLU A 194 -19.96 -4.81 14.25
C GLU A 194 -20.40 -6.05 15.03
N LYS A 195 -19.94 -7.23 14.61
CA LYS A 195 -20.14 -8.51 15.33
C LYS A 195 -18.84 -9.08 15.96
N ARG A 196 -17.78 -8.27 15.96
CA ARG A 196 -16.50 -8.72 16.49
C ARG A 196 -15.86 -9.79 15.63
N LEU A 197 -16.14 -9.83 14.30
CA LEU A 197 -15.49 -10.77 13.43
C LEU A 197 -14.03 -10.37 13.09
N ALA A 198 -13.79 -9.07 13.06
CA ALA A 198 -12.45 -8.59 12.64
C ALA A 198 -11.37 -9.07 13.61
N PRO A 199 -11.57 -8.96 14.93
CA PRO A 199 -10.62 -9.50 15.85
C PRO A 199 -10.38 -10.98 15.65
N ILE A 200 -11.38 -11.78 15.27
CA ILE A 200 -11.17 -13.21 15.05
C ILE A 200 -10.27 -13.41 13.83
N LEU A 201 -10.54 -12.62 12.78
CA LEU A 201 -9.69 -12.75 11.55
C LEU A 201 -8.26 -12.38 11.88
N ILE A 202 -8.04 -11.35 12.68
CA ILE A 202 -6.68 -10.89 13.04
C ILE A 202 -5.98 -11.95 13.89
N LYS A 203 -6.69 -12.51 14.89
CA LYS A 203 -6.14 -13.55 15.70
C LYS A 203 -5.74 -14.77 14.91
N GLU A 204 -6.56 -15.16 13.94
CA GLU A 204 -6.26 -16.34 13.14
C GLU A 204 -5.10 -16.09 12.20
N ALA A 205 -5.06 -14.91 11.59
CA ALA A 205 -3.86 -14.55 10.77
C ALA A 205 -2.63 -14.56 11.64
N THR A 206 -2.73 -13.98 12.82
CA THR A 206 -1.58 -13.91 13.68
C THR A 206 -1.06 -15.32 13.99
N ARG A 207 -2.02 -16.20 14.32
CA ARG A 207 -1.66 -17.61 14.66
C ARG A 207 -0.95 -18.26 13.45
N ARG A 208 -1.51 -18.11 12.24
CA ARG A 208 -0.87 -18.77 11.11
C ARG A 208 0.52 -18.21 10.76
N VAL A 209 0.70 -16.92 10.91
CA VAL A 209 2.00 -16.29 10.73
C VAL A 209 2.95 -16.72 11.79
N ASN A 210 2.52 -16.70 13.04
CA ASN A 210 3.40 -17.17 14.16
C ASN A 210 3.82 -18.64 13.96
N ARG A 211 2.91 -19.48 13.45
CA ARG A 211 3.21 -20.92 13.18
C ARG A 211 4.28 -21.05 12.07
N THR A 212 4.56 -19.97 11.30
CA THR A 212 5.65 -19.93 10.29
C THR A 212 6.89 -19.27 10.85
N ASN A 213 6.99 -19.08 12.17
CA ASN A 213 8.10 -18.48 12.87
C ASN A 213 8.32 -17.03 12.51
N VAL A 214 7.22 -16.32 12.25
CA VAL A 214 7.27 -14.87 11.97
C VAL A 214 6.47 -14.18 13.08
N TRP A 215 7.02 -13.07 13.62
CA TRP A 215 6.56 -12.49 14.85
C TRP A 215 6.22 -11.02 14.75
N GLN A 216 6.55 -10.40 13.60
CA GLN A 216 6.14 -9.06 13.34
C GLN A 216 5.32 -8.98 12.11
N ALA A 217 4.47 -7.92 12.08
CA ALA A 217 3.80 -7.58 10.83
C ALA A 217 3.87 -6.05 10.62
N VAL A 218 3.75 -5.67 9.36
CA VAL A 218 3.47 -4.26 9.01
C VAL A 218 2.12 -4.21 8.36
N TYR A 219 1.36 -3.13 8.61
CA TYR A 219 0.09 -2.89 8.02
C TYR A 219 -0.21 -1.42 7.90
N THR A 220 -1.05 -1.06 6.97
CA THR A 220 -1.51 0.28 6.87
C THR A 220 -3.03 0.33 6.96
N ALA A 221 -3.58 1.49 7.33
CA ALA A 221 -5.03 1.69 7.33
C ALA A 221 -5.34 3.18 7.17
N GLY A 222 -6.51 3.47 6.68
CA GLY A 222 -7.01 4.82 6.62
C GLY A 222 -7.53 5.29 7.95
N VAL A 223 -7.82 4.43 8.88
CA VAL A 223 -8.36 4.77 10.20
C VAL A 223 -7.23 4.80 11.22
N LEU A 224 -7.50 5.51 12.30
CA LEU A 224 -6.57 5.59 13.38
C LEU A 224 -6.85 4.50 14.41
N LEU A 225 -5.82 3.71 14.66
CA LEU A 225 -5.82 2.60 15.60
C LEU A 225 -4.61 2.80 16.50
N PRO A 226 -4.54 2.03 17.57
CA PRO A 226 -3.30 2.09 18.34
C PRO A 226 -2.15 1.31 17.66
N THR A 227 -1.01 1.91 17.34
CA THR A 227 -0.69 3.33 17.32
C THR A 227 0.25 3.48 16.13
N PRO A 228 0.01 4.42 15.21
CA PRO A 228 0.86 4.51 14.02
C PRO A 228 2.25 4.96 14.34
N TYR A 229 3.23 4.44 13.56
CA TYR A 229 4.53 5.05 13.56
C TYR A 229 4.72 6.16 12.56
N ALA A 230 3.80 6.28 11.62
CA ALA A 230 3.88 7.36 10.64
C ALA A 230 2.49 7.52 10.05
N SER A 231 2.20 8.72 9.55
CA SER A 231 0.97 9.00 8.89
C SER A 231 1.17 10.04 7.78
N GLY A 232 0.53 9.84 6.65
CA GLY A 232 0.74 10.71 5.47
C GLY A 232 -0.54 11.01 4.81
N GLN A 233 -0.73 12.19 4.28
CA GLN A 233 -1.89 12.42 3.42
C GLN A 233 -1.80 11.77 2.05
N TYR A 234 -2.97 11.46 1.52
CA TYR A 234 -3.11 11.15 0.08
C TYR A 234 -3.07 12.43 -0.76
N PHE A 235 -2.54 12.32 -1.97
CA PHE A 235 -2.47 13.35 -2.94
C PHE A 235 -2.99 12.79 -4.24
N HIS A 236 -3.70 13.60 -5.05
CA HIS A 236 -4.19 13.16 -6.35
C HIS A 236 -3.96 14.21 -7.40
N ARG A 237 -3.86 13.74 -8.64
CA ARG A 237 -3.56 14.58 -9.77
C ARG A 237 -4.58 14.21 -10.83
N SER A 238 -5.54 15.12 -11.12
CA SER A 238 -6.50 14.89 -12.16
C SER A 238 -5.90 14.70 -13.53
N LEU A 239 -6.34 13.66 -14.23
CA LEU A 239 -5.91 13.42 -15.58
C LEU A 239 -7.11 13.69 -16.52
N ASN A 240 -8.33 13.49 -16.02
CA ASN A 240 -9.62 13.66 -16.79
C ASN A 240 -10.54 14.52 -15.95
N PRO A 241 -10.30 15.84 -15.93
CA PRO A 241 -11.05 16.69 -14.96
C PRO A 241 -12.51 16.80 -15.25
N GLU A 242 -12.87 16.72 -16.52
CA GLU A 242 -14.29 16.77 -16.83
C GLU A 242 -15.02 15.59 -16.16
N LYS A 243 -14.46 14.39 -16.20
CA LYS A 243 -15.08 13.27 -15.50
C LYS A 243 -15.07 13.45 -13.97
N LEU A 244 -13.96 13.92 -13.42
CA LEU A 244 -13.66 14.06 -11.95
C LEU A 244 -14.51 15.12 -11.30
N VAL A 245 -14.70 16.22 -12.05
CA VAL A 245 -15.39 17.39 -11.50
C VAL A 245 -16.87 17.04 -11.52
N GLU A 246 -17.28 16.40 -12.58
CA GLU A 246 -18.63 15.86 -12.63
C GLU A 246 -18.93 14.84 -11.46
N ILE A 247 -18.02 13.92 -11.19
CA ILE A 247 -18.34 12.99 -10.09
C ILE A 247 -18.28 13.66 -8.69
N ARG A 248 -17.21 14.39 -8.42
CA ARG A 248 -16.89 14.90 -7.09
C ARG A 248 -17.68 16.12 -6.70
N PHE A 249 -18.40 16.78 -7.64
CA PHE A 249 -19.02 18.09 -7.27
C PHE A 249 -20.55 18.37 -7.50
N SER A 250 -21.31 17.64 -8.30
CA SER A 250 -20.96 17.07 -9.58
C SER A 250 -21.01 18.21 -10.72
N GLY A 251 -20.68 19.45 -10.32
CA GLY A 251 -20.48 20.66 -11.17
C GLY A 251 -19.30 21.48 -10.59
N ILE A 252 -19.26 22.82 -10.78
CA ILE A 252 -17.98 23.61 -10.71
C ILE A 252 -17.37 23.82 -9.32
N PRO A 253 -16.11 23.38 -9.12
CA PRO A 253 -15.42 23.58 -7.82
C PRO A 253 -15.29 25.06 -7.44
N ALA A 254 -15.27 25.33 -6.15
CA ALA A 254 -15.51 26.69 -5.66
C ALA A 254 -14.50 27.65 -6.21
N GLN A 255 -13.22 27.29 -6.16
CA GLN A 255 -12.20 28.26 -6.60
C GLN A 255 -12.18 28.50 -8.11
N TYR A 256 -12.96 27.73 -8.88
CA TYR A 256 -13.07 27.96 -10.32
C TYR A 256 -14.34 28.69 -10.64
N GLN A 257 -15.14 29.00 -9.59
CA GLN A 257 -16.43 29.63 -9.81
C GLN A 257 -16.32 31.05 -10.34
N LYS A 258 -15.15 31.68 -10.21
CA LYS A 258 -14.83 33.08 -10.66
C LYS A 258 -14.57 33.27 -12.16
N PHE A 259 -14.39 32.18 -12.89
CA PHE A 259 -14.03 32.26 -14.29
C PHE A 259 -15.34 32.26 -15.07
N GLN A 260 -15.34 32.88 -16.24
CA GLN A 260 -16.49 32.89 -17.17
C GLN A 260 -16.68 31.49 -17.72
N ASN A 261 -15.56 30.78 -17.92
CA ASN A 261 -15.61 29.45 -18.54
C ASN A 261 -14.78 28.49 -17.68
N PRO A 262 -15.30 28.13 -16.52
CA PRO A 262 -14.60 27.30 -15.55
C PRO A 262 -14.14 25.97 -16.18
N MET A 263 -14.95 25.35 -17.03
CA MET A 263 -14.53 24.02 -17.52
C MET A 263 -13.35 24.16 -18.45
N ALA A 264 -13.35 25.18 -19.28
CA ALA A 264 -12.21 25.35 -20.16
C ALA A 264 -10.95 25.62 -19.33
N MET A 265 -11.08 26.41 -18.26
CA MET A 265 -9.92 26.67 -17.32
C MET A 265 -9.42 25.38 -16.67
N LEU A 266 -10.37 24.56 -16.20
CA LEU A 266 -10.01 23.25 -15.61
C LEU A 266 -9.25 22.39 -16.59
N LYS A 267 -9.78 22.26 -17.77
CA LYS A 267 -9.13 21.44 -18.77
C LYS A 267 -7.73 21.96 -19.12
N ARG A 268 -7.57 23.26 -19.26
CA ARG A 268 -6.28 23.86 -19.56
C ARG A 268 -5.33 23.64 -18.39
N ASN A 269 -5.78 23.74 -17.14
CA ASN A 269 -4.91 23.53 -16.00
C ASN A 269 -4.33 22.12 -15.96
N TYR A 270 -5.12 21.12 -16.32
CA TYR A 270 -4.65 19.74 -16.09
C TYR A 270 -4.17 19.07 -17.37
N GLN A 271 -4.08 19.83 -18.45
CA GLN A 271 -3.64 19.27 -19.74
C GLN A 271 -2.18 18.74 -19.64
N LEU A 272 -1.95 17.65 -20.37
CA LEU A 272 -0.64 17.01 -20.41
C LEU A 272 -0.14 16.76 -21.83
N PRO A 273 1.18 16.60 -22.01
CA PRO A 273 1.70 16.10 -23.27
C PRO A 273 1.07 14.77 -23.65
N SER A 274 1.00 14.54 -24.94
CA SER A 274 0.45 13.34 -25.49
C SER A 274 1.45 12.24 -25.64
N ALA A 275 2.73 12.51 -25.40
CA ALA A 275 3.78 11.53 -25.47
C ALA A 275 4.88 11.91 -24.50
N PRO A 276 5.60 10.90 -23.97
CA PRO A 276 6.63 11.16 -22.99
C PRO A 276 7.72 12.06 -23.48
N LYS A 277 8.29 12.84 -22.58
CA LYS A 277 9.37 13.81 -22.94
C LYS A 277 10.77 13.26 -22.82
N ASN A 278 10.98 12.26 -21.98
CA ASN A 278 12.36 11.79 -21.75
C ASN A 278 12.80 10.84 -22.82
N SER A 279 13.83 11.27 -23.55
CA SER A 279 14.43 10.44 -24.50
C SER A 279 14.92 9.17 -23.82
N GLY A 280 14.65 8.08 -24.46
CA GLY A 280 15.11 6.85 -23.93
C GLY A 280 14.10 6.19 -23.02
N LEU A 281 12.96 6.79 -22.81
CA LEU A 281 11.88 6.08 -22.06
C LEU A 281 11.34 4.91 -22.80
N ARG A 282 11.19 3.76 -22.12
CA ARG A 282 10.58 2.59 -22.71
C ARG A 282 10.03 1.71 -21.56
N GLU A 283 9.22 0.74 -21.90
CA GLU A 283 8.76 -0.22 -20.86
C GLU A 283 9.92 -1.06 -20.39
N MET A 284 9.85 -1.46 -19.13
CA MET A 284 10.83 -2.33 -18.57
C MET A 284 10.78 -3.73 -19.20
N LYS A 285 11.96 -4.36 -19.30
CA LYS A 285 12.39 -5.63 -19.96
C LYS A 285 12.88 -6.52 -18.80
N PRO A 286 12.67 -7.88 -18.94
CA PRO A 286 13.38 -8.75 -17.95
C PRO A 286 14.88 -8.50 -17.77
N SER A 287 15.63 -8.15 -18.78
CA SER A 287 17.05 -7.98 -18.60
C SER A 287 17.39 -6.69 -17.81
N ASP A 288 16.39 -5.85 -17.62
CA ASP A 288 16.52 -4.67 -16.78
C ASP A 288 16.54 -5.01 -15.31
N VAL A 289 16.07 -6.20 -14.90
CA VAL A 289 15.85 -6.48 -13.45
C VAL A 289 17.07 -6.13 -12.58
N PRO A 290 18.27 -6.59 -12.88
CA PRO A 290 19.33 -6.33 -11.97
C PRO A 290 19.73 -4.89 -11.83
N GLN A 291 19.75 -4.09 -12.89
CA GLN A 291 19.96 -2.66 -12.78
C GLN A 291 18.87 -1.90 -12.04
N VAL A 292 17.61 -2.26 -12.31
CA VAL A 292 16.50 -1.69 -11.58
C VAL A 292 16.65 -2.06 -10.10
N ARG A 293 17.00 -3.29 -9.80
CA ARG A 293 17.20 -3.66 -8.39
C ARG A 293 18.25 -2.78 -7.76
N ARG A 294 19.40 -2.60 -8.42
CA ARG A 294 20.49 -1.85 -7.81
C ARG A 294 20.10 -0.36 -7.58
N ILE A 295 19.52 0.31 -8.56
CA ILE A 295 19.20 1.74 -8.40
C ILE A 295 18.04 1.87 -7.38
N LEU A 296 17.13 0.95 -7.39
CA LEU A 296 16.04 1.07 -6.41
C LEU A 296 16.55 0.83 -4.99
N MET A 297 17.32 -0.25 -4.79
CA MET A 297 17.84 -0.49 -3.44
C MET A 297 18.75 0.59 -2.93
N ASN A 298 19.61 1.14 -3.82
CA ASN A 298 20.45 2.25 -3.36
C ASN A 298 19.64 3.44 -2.91
N TYR A 299 18.53 3.73 -3.59
CA TYR A 299 17.63 4.79 -3.22
C TYR A 299 16.85 4.48 -1.92
N LEU A 300 16.28 3.30 -1.83
CA LEU A 300 15.40 2.97 -0.66
C LEU A 300 16.23 2.91 0.61
N ASP A 301 17.49 2.52 0.47
CA ASP A 301 18.33 2.40 1.68
C ASP A 301 18.48 3.71 2.44
N SER A 302 18.22 4.85 1.81
CA SER A 302 18.22 6.15 2.47
C SER A 302 17.08 6.43 3.49
N PHE A 303 16.04 5.61 3.48
CA PHE A 303 14.83 5.74 4.29
C PHE A 303 14.91 4.88 5.51
N ASP A 304 14.29 5.31 6.56
CA ASP A 304 14.30 4.54 7.80
C ASP A 304 13.58 3.22 7.71
N VAL A 305 12.41 3.14 7.06
CA VAL A 305 11.65 1.88 6.93
C VAL A 305 11.56 1.62 5.46
N GLY A 306 11.99 0.47 4.99
CA GLY A 306 11.79 0.15 3.59
C GLY A 306 12.06 -1.29 3.25
N PRO A 307 11.50 -1.76 2.12
CA PRO A 307 11.69 -3.13 1.74
C PRO A 307 13.04 -3.41 1.13
N VAL A 308 13.43 -4.70 1.18
CA VAL A 308 14.62 -5.16 0.45
C VAL A 308 14.16 -6.25 -0.50
N PHE A 309 14.43 -6.07 -1.79
CA PHE A 309 13.90 -6.96 -2.82
C PHE A 309 15.01 -7.75 -3.49
N SER A 310 14.73 -9.01 -3.69
CA SER A 310 15.59 -9.89 -4.52
C SER A 310 15.31 -9.61 -5.99
N ASP A 311 16.13 -10.16 -6.87
CA ASP A 311 15.79 -10.07 -8.28
C ASP A 311 14.42 -10.64 -8.56
N ALA A 312 14.04 -11.76 -7.93
CA ALA A 312 12.72 -12.37 -8.15
C ALA A 312 11.58 -11.43 -7.75
N GLU A 313 11.80 -10.67 -6.66
CA GLU A 313 10.80 -9.74 -6.22
C GLU A 313 10.73 -8.53 -7.09
N ILE A 314 11.86 -8.03 -7.55
CA ILE A 314 11.83 -6.91 -8.52
C ILE A 314 11.08 -7.36 -9.75
N SER A 315 11.37 -8.56 -10.24
CA SER A 315 10.68 -9.09 -11.41
C SER A 315 9.18 -9.13 -11.18
N HIS A 316 8.76 -9.69 -10.06
CA HIS A 316 7.36 -9.83 -9.75
C HIS A 316 6.66 -8.46 -9.60
N TYR A 317 7.25 -7.56 -8.79
CA TYR A 317 6.52 -6.36 -8.47
C TYR A 317 6.66 -5.30 -9.51
N LEU A 318 7.63 -5.40 -10.42
CA LEU A 318 7.87 -4.26 -11.39
C LEU A 318 7.73 -4.65 -12.82
N LEU A 319 7.95 -5.91 -13.25
CA LEU A 319 7.78 -6.13 -14.72
C LEU A 319 6.34 -5.87 -15.09
N PRO A 320 6.12 -5.23 -16.26
CA PRO A 320 4.79 -4.87 -16.71
C PRO A 320 3.81 -6.03 -16.73
N ARG A 321 2.60 -5.85 -16.23
CA ARG A 321 1.47 -6.82 -16.24
C ARG A 321 0.26 -6.11 -16.63
N ASP A 322 -0.27 -6.49 -17.80
CA ASP A 322 -1.34 -5.75 -18.36
C ASP A 322 -2.54 -5.57 -17.35
N GLY A 323 -3.01 -4.32 -17.29
CA GLY A 323 -4.07 -3.95 -16.42
C GLY A 323 -3.71 -3.85 -14.94
N VAL A 324 -2.45 -4.11 -14.60
CA VAL A 324 -2.08 -4.22 -13.20
C VAL A 324 -0.96 -3.27 -12.81
N VAL A 325 0.19 -3.47 -13.39
CA VAL A 325 1.39 -2.67 -13.05
C VAL A 325 2.10 -2.32 -14.36
N PHE A 326 2.60 -1.09 -14.40
CA PHE A 326 3.16 -0.41 -15.58
C PHE A 326 4.51 0.17 -15.12
N THR A 327 5.60 -0.18 -15.78
CA THR A 327 6.91 0.25 -15.31
C THR A 327 7.72 0.67 -16.52
N TYR A 328 8.35 1.84 -16.41
CA TYR A 328 9.11 2.38 -17.54
C TYR A 328 10.49 2.73 -17.02
N VAL A 329 11.50 2.51 -17.88
CA VAL A 329 12.86 2.88 -17.54
C VAL A 329 13.34 3.94 -18.50
N VAL A 330 14.25 4.76 -18.01
CA VAL A 330 15.04 5.66 -18.87
C VAL A 330 16.33 4.90 -19.11
N GLU A 331 16.53 4.59 -20.37
CA GLU A 331 17.77 3.91 -20.78
C GLU A 331 18.57 4.84 -21.67
N ASN A 332 19.81 5.03 -21.25
CA ASN A 332 20.81 5.89 -21.90
C ASN A 332 21.97 4.94 -22.03
N ASP A 333 22.20 4.54 -23.28
CA ASP A 333 23.33 3.73 -23.71
C ASP A 333 23.41 2.47 -22.99
N LYS A 334 22.28 1.79 -23.07
CA LYS A 334 22.16 0.53 -22.48
C LYS A 334 22.17 0.51 -20.96
N LYS A 335 22.26 1.69 -20.35
CA LYS A 335 22.25 1.74 -18.93
C LYS A 335 20.91 2.30 -18.44
N VAL A 336 20.33 1.61 -17.49
CA VAL A 336 19.06 2.08 -16.84
C VAL A 336 19.53 3.02 -15.79
N THR A 337 19.12 4.25 -15.95
CA THR A 337 19.54 5.32 -15.08
C THR A 337 18.38 5.80 -14.23
N ASP A 338 17.15 5.52 -14.66
CA ASP A 338 15.98 6.07 -13.93
C ASP A 338 14.85 5.06 -14.22
N PHE A 339 13.86 5.00 -13.34
CA PHE A 339 12.66 4.23 -13.73
C PHE A 339 11.51 4.77 -12.88
N PHE A 340 10.28 4.49 -13.31
CA PHE A 340 9.10 4.72 -12.46
C PHE A 340 8.13 3.60 -12.68
N SER A 341 7.27 3.37 -11.70
CA SER A 341 6.20 2.41 -11.88
C SER A 341 4.88 3.01 -11.32
N PHE A 342 3.78 2.50 -11.83
CA PHE A 342 2.44 2.77 -11.25
C PHE A 342 1.59 1.54 -11.37
N TYR A 343 0.61 1.41 -10.43
CA TYR A 343 -0.31 0.29 -10.56
C TYR A 343 -1.73 0.79 -10.63
N ARG A 344 -2.61 -0.07 -11.14
CA ARG A 344 -4.00 0.31 -11.39
C ARG A 344 -4.92 -0.23 -10.31
N ILE A 345 -5.73 0.66 -9.71
CA ILE A 345 -6.85 0.22 -8.89
C ILE A 345 -8.02 1.09 -9.32
N PRO A 346 -8.95 0.50 -10.08
CA PRO A 346 -10.23 1.26 -10.30
C PRO A 346 -11.06 1.31 -9.05
N SER A 347 -11.86 2.35 -8.90
CA SER A 347 -12.88 2.44 -7.81
C SER A 347 -14.23 2.48 -8.48
N THR A 348 -15.14 1.73 -7.88
CA THR A 348 -16.57 1.84 -8.26
C THR A 348 -17.05 3.21 -7.86
N VAL A 349 -17.75 3.91 -8.81
CA VAL A 349 -18.31 5.18 -8.55
C VAL A 349 -19.71 4.90 -7.99
N ILE A 350 -19.80 4.75 -6.69
CA ILE A 350 -21.02 4.16 -6.09
C ILE A 350 -22.09 5.21 -5.92
N GLY A 351 -21.72 6.47 -5.95
CA GLY A 351 -22.72 7.53 -5.86
C GLY A 351 -23.20 8.09 -7.20
N ASN A 352 -22.33 8.17 -8.17
CA ASN A 352 -22.66 8.92 -9.39
C ASN A 352 -23.12 7.95 -10.43
N SER A 353 -24.19 8.37 -11.10
CA SER A 353 -24.97 7.51 -11.97
C SER A 353 -24.34 7.36 -13.40
N ASN A 354 -23.61 8.38 -13.78
CA ASN A 354 -23.09 8.54 -15.13
C ASN A 354 -21.86 7.60 -15.43
N TYR A 355 -21.17 7.13 -14.39
CA TYR A 355 -19.90 6.38 -14.58
C TYR A 355 -19.86 5.14 -13.72
N ASN A 356 -19.35 4.06 -14.22
CA ASN A 356 -19.23 2.84 -13.46
C ASN A 356 -17.95 2.89 -12.61
N LEU A 357 -16.86 3.31 -13.22
CA LEU A 357 -15.56 3.20 -12.56
C LEU A 357 -14.77 4.50 -12.70
N LEU A 358 -13.92 4.79 -11.72
CA LEU A 358 -12.90 5.80 -11.83
C LEU A 358 -11.58 5.02 -11.96
N ASN A 359 -10.82 5.23 -13.02
CA ASN A 359 -9.63 4.42 -13.28
C ASN A 359 -8.43 5.17 -12.67
N ALA A 360 -7.92 4.74 -11.52
CA ALA A 360 -6.84 5.44 -10.86
C ALA A 360 -5.50 4.73 -11.01
N ALA A 361 -4.47 5.50 -11.24
CA ALA A 361 -3.05 5.05 -11.31
C ALA A 361 -2.33 5.48 -10.04
N TYR A 362 -1.74 4.57 -9.35
CA TYR A 362 -1.08 4.89 -8.07
C TYR A 362 0.39 4.87 -8.28
N VAL A 363 1.09 5.86 -7.75
CA VAL A 363 2.53 5.90 -7.87
C VAL A 363 3.12 4.79 -7.06
N HIS A 364 4.01 4.02 -7.69
CA HIS A 364 4.66 2.81 -7.08
C HIS A 364 6.09 3.17 -6.77
N TYR A 365 7.01 2.27 -6.92
CA TYR A 365 8.43 2.58 -6.75
C TYR A 365 9.01 3.31 -7.93
N TYR A 366 10.10 4.04 -7.68
CA TYR A 366 10.81 4.76 -8.76
C TYR A 366 12.22 5.05 -8.23
N ALA A 367 13.11 5.52 -9.15
CA ALA A 367 14.40 5.97 -8.74
C ALA A 367 14.88 6.86 -9.86
N ALA A 368 15.47 8.00 -9.46
CA ALA A 368 15.97 9.00 -10.48
C ALA A 368 17.47 9.26 -10.19
N THR A 369 18.34 8.96 -11.17
CA THR A 369 19.75 9.35 -11.01
C THR A 369 20.23 10.31 -12.06
N SER A 370 19.47 10.53 -13.12
CA SER A 370 19.92 11.41 -14.24
C SER A 370 19.10 12.68 -14.43
N ILE A 371 17.83 12.70 -13.95
CA ILE A 371 16.91 13.83 -14.11
C ILE A 371 16.19 14.13 -12.85
N PRO A 372 15.70 15.35 -12.70
CA PRO A 372 14.93 15.68 -11.58
C PRO A 372 13.72 14.78 -11.47
N LEU A 373 13.36 14.50 -10.26
CA LEU A 373 12.23 13.64 -10.01
C LEU A 373 10.97 14.17 -10.65
N HIS A 374 10.69 15.47 -10.60
CA HIS A 374 9.52 15.99 -11.25
C HIS A 374 9.44 15.72 -12.76
N GLN A 375 10.61 15.69 -13.43
CA GLN A 375 10.66 15.40 -14.85
C GLN A 375 10.38 13.93 -15.13
N LEU A 376 10.85 13.06 -14.23
CA LEU A 376 10.60 11.64 -14.37
C LEU A 376 9.11 11.36 -14.18
N ILE A 377 8.50 11.92 -13.12
CA ILE A 377 7.11 11.62 -12.79
C ILE A 377 6.16 12.35 -13.76
N LEU A 378 6.59 13.43 -14.43
CA LEU A 378 5.78 13.98 -15.49
C LEU A 378 5.49 12.91 -16.53
N ASP A 379 6.49 12.11 -16.86
CA ASP A 379 6.26 11.06 -17.83
C ASP A 379 5.32 9.95 -17.33
N LEU A 380 5.38 9.68 -16.02
CA LEU A 380 4.35 8.81 -15.41
C LEU A 380 2.93 9.34 -15.67
N LEU A 381 2.75 10.68 -15.41
CA LEU A 381 1.44 11.27 -15.67
C LEU A 381 1.06 11.16 -17.16
N ILE A 382 2.01 11.43 -18.05
CA ILE A 382 1.72 11.42 -19.49
C ILE A 382 1.27 9.98 -19.94
N VAL A 383 2.02 8.94 -19.48
CA VAL A 383 1.71 7.58 -19.87
C VAL A 383 0.38 7.16 -19.30
N ALA A 384 0.17 7.46 -18.01
CA ALA A 384 -1.12 7.16 -17.41
C ALA A 384 -2.29 7.78 -18.14
N HIS A 385 -2.14 9.07 -18.39
CA HIS A 385 -3.19 9.76 -19.17
C HIS A 385 -3.39 9.09 -20.51
N SER A 386 -2.30 8.78 -21.22
CA SER A 386 -2.43 8.25 -22.59
C SER A 386 -3.07 6.87 -22.59
N ARG A 387 -2.93 6.14 -21.47
CA ARG A 387 -3.50 4.82 -21.32
C ARG A 387 -4.97 4.90 -20.76
N GLY A 388 -5.52 6.08 -20.58
CA GLY A 388 -6.92 6.21 -20.19
C GLY A 388 -7.19 6.22 -18.72
N PHE A 389 -6.20 6.53 -17.89
CA PHE A 389 -6.48 6.71 -16.49
C PHE A 389 -7.07 8.07 -16.23
N ASP A 390 -7.89 8.15 -15.19
CA ASP A 390 -8.59 9.38 -14.87
C ASP A 390 -7.90 10.28 -13.84
N VAL A 391 -7.05 9.65 -13.04
CA VAL A 391 -6.43 10.33 -11.83
C VAL A 391 -5.21 9.51 -11.45
N CYS A 392 -4.19 10.23 -10.93
CA CYS A 392 -2.98 9.60 -10.36
C CYS A 392 -3.02 9.90 -8.89
N ASN A 393 -2.92 8.86 -8.06
CA ASN A 393 -2.98 9.01 -6.62
CA ASN A 393 -2.99 8.98 -6.61
C ASN A 393 -1.68 8.50 -5.98
N MET A 394 -1.38 8.98 -4.79
CA MET A 394 -0.26 8.53 -4.03
C MET A 394 -0.35 9.03 -2.59
N VAL A 395 0.47 8.45 -1.71
CA VAL A 395 0.64 9.02 -0.37
C VAL A 395 1.95 9.72 -0.30
N GLU A 396 2.14 10.64 0.62
CA GLU A 396 3.37 11.45 0.70
C GLU A 396 4.57 10.71 1.29
N ILE A 397 4.73 9.46 0.93
CA ILE A 397 5.92 8.66 1.38
C ILE A 397 7.04 8.96 0.37
N LEU A 398 8.19 8.31 0.53
CA LEU A 398 9.29 8.40 -0.43
C LEU A 398 9.63 9.87 -0.59
N ASP A 399 9.97 10.29 -1.81
CA ASP A 399 10.11 11.71 -2.10
C ASP A 399 8.93 12.28 -2.87
N ASN A 400 7.76 11.71 -2.61
CA ASN A 400 6.57 12.11 -3.34
C ASN A 400 6.22 13.60 -3.14
N ARG A 401 6.55 14.16 -1.96
CA ARG A 401 6.27 15.64 -1.79
C ARG A 401 7.09 16.51 -2.71
N SER A 402 8.23 15.99 -3.22
CA SER A 402 9.11 16.81 -4.04
C SER A 402 8.49 17.18 -5.37
N PHE A 403 7.43 16.53 -5.80
CA PHE A 403 6.87 16.90 -7.12
C PHE A 403 5.37 17.29 -7.05
N VAL A 404 4.81 17.40 -5.84
CA VAL A 404 3.41 17.75 -5.61
C VAL A 404 3.08 19.03 -6.35
N GLU A 405 3.84 20.10 -6.07
CA GLU A 405 3.40 21.40 -6.58
C GLU A 405 3.66 21.49 -8.06
N GLN A 406 4.82 21.06 -8.49
CA GLN A 406 5.24 21.19 -9.90
C GLN A 406 4.24 20.43 -10.81
N LEU A 407 3.75 19.31 -10.34
CA LEU A 407 2.93 18.48 -11.17
C LEU A 407 1.45 18.58 -10.82
N LYS A 408 1.06 19.58 -9.99
CA LYS A 408 -0.36 19.91 -9.78
C LYS A 408 -1.15 18.80 -9.07
N PHE A 409 -0.46 18.12 -8.13
CA PHE A 409 -1.20 17.23 -7.22
C PHE A 409 -1.85 18.09 -6.15
N GLY A 410 -2.96 17.63 -5.65
CA GLY A 410 -3.63 18.25 -4.50
C GLY A 410 -3.86 17.27 -3.41
N ALA A 411 -3.85 17.71 -2.16
CA ALA A 411 -4.22 16.84 -1.08
C ALA A 411 -5.63 16.33 -1.11
N GLY A 412 -5.79 15.02 -0.84
CA GLY A 412 -7.08 14.37 -0.76
C GLY A 412 -7.58 14.38 0.64
N ASP A 413 -8.69 13.70 0.85
CA ASP A 413 -9.30 13.65 2.15
C ASP A 413 -8.77 12.50 3.02
N GLY A 414 -8.09 11.58 2.42
CA GLY A 414 -7.57 10.47 3.16
C GLY A 414 -6.22 10.68 3.79
N HIS A 415 -5.93 9.86 4.78
CA HIS A 415 -4.64 9.67 5.29
C HIS A 415 -4.27 8.18 5.27
N LEU A 416 -3.01 7.86 5.12
CA LEU A 416 -2.61 6.50 5.29
C LEU A 416 -1.73 6.42 6.53
N ARG A 417 -2.06 5.56 7.49
CA ARG A 417 -1.34 5.37 8.76
C ARG A 417 -0.60 4.05 8.60
N TYR A 418 0.66 4.07 9.02
CA TYR A 418 1.56 2.91 9.03
C TYR A 418 1.74 2.37 10.42
N TYR A 419 1.64 1.05 10.57
CA TYR A 419 1.64 0.37 11.86
C TYR A 419 2.56 -0.84 11.77
N PHE A 420 3.11 -1.19 12.97
CA PHE A 420 3.68 -2.50 13.13
C PHE A 420 2.92 -3.26 14.23
N TYR A 421 2.89 -4.58 14.07
CA TYR A 421 2.43 -5.49 15.10
C TYR A 421 3.68 -6.06 15.75
N ASN A 422 3.69 -6.04 17.11
CA ASN A 422 4.80 -6.60 17.93
C ASN A 422 6.17 -5.96 17.62
N TRP A 423 6.12 -4.63 17.43
CA TRP A 423 7.39 -3.91 17.14
C TRP A 423 7.27 -2.52 17.70
N ALA A 424 8.06 -2.22 18.72
CA ALA A 424 8.19 -0.86 19.26
C ALA A 424 8.96 -0.06 18.24
N TYR A 425 8.45 1.14 17.87
CA TYR A 425 9.12 1.94 16.88
C TYR A 425 8.83 3.41 17.15
N PRO A 426 9.88 4.28 17.11
CA PRO A 426 9.64 5.73 17.25
C PRO A 426 8.81 6.34 16.11
N LYS A 427 8.14 7.43 16.42
CA LYS A 427 7.42 8.20 15.38
C LYS A 427 8.50 8.58 14.35
N ILE A 428 8.14 8.43 13.07
CA ILE A 428 8.88 9.03 11.99
C ILE A 428 7.94 9.78 11.00
N LYS A 429 8.57 10.66 10.25
CA LYS A 429 7.89 11.37 9.19
C LYS A 429 7.57 10.40 8.04
N PRO A 430 6.44 10.73 7.34
CA PRO A 430 6.15 9.85 6.18
C PRO A 430 7.18 9.87 5.10
N SER A 431 7.96 10.91 5.01
CA SER A 431 9.10 10.96 4.08
C SER A 431 10.27 10.10 4.47
N GLN A 432 10.16 9.42 5.62
CA GLN A 432 11.15 8.40 6.02
C GLN A 432 10.66 6.99 5.76
N VAL A 433 9.52 6.83 5.07
CA VAL A 433 8.93 5.54 4.79
C VAL A 433 9.09 5.30 3.30
N ALA A 434 9.56 4.11 3.01
CA ALA A 434 9.82 3.65 1.60
C ALA A 434 9.03 2.43 1.17
N LEU A 435 8.11 2.00 2.05
CA LEU A 435 7.26 0.85 1.76
C LEU A 435 5.96 1.32 1.10
N VAL A 436 5.76 0.88 -0.16
CA VAL A 436 4.47 1.14 -0.85
C VAL A 436 3.55 -0.01 -0.52
N MET A 437 2.33 0.24 -0.03
CA MET A 437 1.41 -0.88 0.21
C MET A 437 0.27 -0.81 -0.81
N LEU A 438 -0.04 -1.96 -1.35
CA LEU A 438 -0.94 -2.06 -2.50
C LEU A 438 -2.40 -2.02 -2.08
#